data_4CF9
#
_entry.id   4CF9
#
_cell.length_a   69.869
_cell.length_b   69.869
_cell.length_c   65.382
_cell.angle_alpha   90.00
_cell.angle_beta   90.00
_cell.angle_gamma   120.00
#
_symmetry.space_group_name_H-M   'P 31'
#
loop_
_entity.id
_entity.type
_entity.pdbx_description
1 polymer INTEGRASE
2 non-polymer 'SULFATE ION'
3 non-polymer 1,2-ETHANEDIOL
4 non-polymer '(3R)-3-(3-hydroxy-3-oxopropyl)-6-[(E)-[(2R)-2-oxidanyl-2,3-dihydroinden-1-ylidene]methyl]-2,3-dihydro-1,4-benzodioxine-5-carboxylic acid'
5 non-polymer '(2R)-2-(3-hydroxy-3-oxopropyl)-6-[(E)-[(2S)-2-oxidanyl-2,3-dihydroinden-1-ylidene]methyl]-2,3-dihydro-1,4-benzodioxine-5-carboxylic acid'
6 non-polymer 'ACETATE ION'
7 water water
#
_entity_poly.entity_id   1
_entity_poly.type   'polypeptide(L)'
_entity_poly.pdbx_seq_one_letter_code
;MGSSHHHHHHSSGLVPRGSHMHGQVDSSPGIWQLDCTHLEGKVILVAVHVASGYIEAEVIPAETGQETAYFLLKLAGRWP
VKTVHTDNGSNFTSTTVKAACWWAGIKQEDGIPYNPQSQGVIESMNKELKKIIGQVRDQAEHLKTAVQMAVFIHNHKRKG
GIGGYSAGERIVDIIATDIQTKE
;
_entity_poly.pdbx_strand_id   A,B
#
loop_
_chem_comp.id
_chem_comp.type
_chem_comp.name
_chem_comp.formula
5EY non-polymer '(3R)-3-(3-hydroxy-3-oxopropyl)-6-[(E)-[(2R)-2-oxidanyl-2,3-dihydroinden-1-ylidene]methyl]-2,3-dihydro-1,4-benzodioxine-5-carboxylic acid' 'C22 H20 O7'
ACT non-polymer 'ACETATE ION' 'C2 H3 O2 -1'
EDO non-polymer 1,2-ETHANEDIOL 'C2 H6 O2'
EE2 non-polymer '(2R)-2-(3-hydroxy-3-oxopropyl)-6-[(E)-[(2S)-2-oxidanyl-2,3-dihydroinden-1-ylidene]methyl]-2,3-dihydro-1,4-benzodioxine-5-carboxylic acid' 'C22 H20 O7'
SO4 non-polymer 'SULFATE ION' 'O4 S -2'
#
# COMPACT_ATOMS: atom_id res chain seq x y z
N SER A 27 7.52 -10.29 -14.91
CA SER A 27 8.97 -10.24 -15.19
C SER A 27 9.47 -10.26 -13.78
N SER A 28 10.70 -10.67 -13.55
CA SER A 28 11.21 -10.71 -12.17
C SER A 28 10.80 -9.46 -11.34
N PRO A 29 10.91 -8.23 -11.89
CA PRO A 29 10.40 -7.11 -11.09
C PRO A 29 8.89 -7.09 -10.83
N GLY A 30 8.10 -7.76 -11.66
CA GLY A 30 6.65 -7.77 -11.50
C GLY A 30 6.07 -9.02 -10.85
N ILE A 31 6.90 -9.88 -10.27
CA ILE A 31 6.41 -11.15 -9.73
C ILE A 31 6.16 -11.04 -8.24
N TRP A 32 4.94 -11.35 -7.85
CA TRP A 32 4.56 -11.37 -6.45
C TRP A 32 3.99 -12.72 -6.08
N GLN A 33 4.11 -13.04 -4.80
CA GLN A 33 3.63 -14.29 -4.23
CA GLN A 33 3.63 -14.28 -4.24
C GLN A 33 2.68 -13.99 -3.08
N LEU A 34 1.47 -14.53 -3.16
CA LEU A 34 0.53 -14.43 -2.08
C LEU A 34 0.89 -15.47 -1.05
N ASP A 35 0.60 -15.13 0.20
CA ASP A 35 0.93 -15.96 1.31
C ASP A 35 -0.08 -15.65 2.38
N CYS A 36 -0.67 -16.69 2.94
CA CYS A 36 -1.68 -16.55 3.96
C CYS A 36 -1.19 -17.23 5.22
N THR A 37 -1.16 -16.50 6.32
CA THR A 37 -0.79 -17.08 7.61
C THR A 37 -1.84 -16.69 8.67
N HIS A 38 -1.81 -17.39 9.80
CA HIS A 38 -2.86 -17.24 10.80
C HIS A 38 -2.30 -16.83 12.15
N LEU A 39 -3.06 -16.00 12.84
CA LEU A 39 -2.68 -15.53 14.17
C LEU A 39 -3.90 -15.03 14.91
N GLU A 40 -4.00 -15.38 16.19
CA GLU A 40 -5.10 -14.95 17.04
C GLU A 40 -6.49 -15.25 16.47
N GLY A 41 -6.63 -16.42 15.84
CA GLY A 41 -7.89 -16.81 15.20
C GLY A 41 -8.22 -15.95 14.00
N LYS A 42 -7.19 -15.35 13.41
CA LYS A 42 -7.37 -14.42 12.30
C LYS A 42 -6.38 -14.70 11.20
N VAL A 43 -6.65 -14.10 10.06
CA VAL A 43 -5.94 -14.39 8.83
C VAL A 43 -5.12 -13.16 8.45
N ILE A 44 -3.84 -13.39 8.22
CA ILE A 44 -2.95 -12.36 7.73
C ILE A 44 -2.62 -12.71 6.30
N LEU A 45 -3.02 -11.84 5.39
CA LEU A 45 -2.77 -12.06 3.98
C LEU A 45 -1.59 -11.20 3.61
N VAL A 46 -0.59 -11.85 3.01
CA VAL A 46 0.67 -11.23 2.66
C VAL A 46 0.95 -11.41 1.17
N ALA A 47 1.41 -10.34 0.55
CA ALA A 47 1.98 -10.41 -0.78
C ALA A 47 3.45 -10.09 -0.66
N VAL A 48 4.28 -10.98 -1.17
CA VAL A 48 5.72 -10.79 -1.17
C VAL A 48 6.20 -10.51 -2.58
N HIS A 49 6.97 -9.44 -2.73
CA HIS A 49 7.67 -9.18 -3.98
C HIS A 49 8.90 -10.08 -4.01
N VAL A 50 8.84 -11.10 -4.83
CA VAL A 50 9.76 -12.23 -4.76
C VAL A 50 11.23 -11.82 -4.84
N ALA A 51 11.56 -10.99 -5.82
CA ALA A 51 12.94 -10.59 -6.05
C ALA A 51 13.54 -9.73 -4.93
N SER A 52 12.70 -9.06 -4.16
CA SER A 52 13.18 -8.15 -3.11
C SER A 52 12.89 -8.60 -1.68
N GLY A 53 11.82 -9.36 -1.48
CA GLY A 53 11.35 -9.68 -0.13
C GLY A 53 10.48 -8.61 0.48
N TYR A 54 10.17 -7.57 -0.28
CA TYR A 54 9.27 -6.51 0.19
C TYR A 54 7.88 -7.11 0.31
N ILE A 55 7.16 -6.73 1.35
CA ILE A 55 5.81 -7.23 1.55
C ILE A 55 4.77 -6.12 1.75
N GLU A 56 3.53 -6.48 1.43
CA GLU A 56 2.37 -5.78 1.93
C GLU A 56 1.51 -6.81 2.59
N ALA A 57 0.76 -6.40 3.61
CA ALA A 57 -0.05 -7.35 4.35
C ALA A 57 -1.27 -6.71 4.94
N GLU A 58 -2.27 -7.55 5.19
CA GLU A 58 -3.52 -7.13 5.78
C GLU A 58 -4.05 -8.21 6.71
N VAL A 59 -4.76 -7.80 7.75
CA VAL A 59 -5.54 -8.73 8.55
C VAL A 59 -6.95 -8.79 7.95
N ILE A 60 -7.45 -10.01 7.74
CA ILE A 60 -8.82 -10.20 7.28
C ILE A 60 -9.50 -11.25 8.15
N PRO A 61 -10.85 -11.24 8.21
CA PRO A 61 -11.53 -12.19 9.09
C PRO A 61 -11.35 -13.63 8.62
N ALA A 62 -11.38 -13.82 7.30
CA ALA A 62 -11.15 -15.12 6.70
C ALA A 62 -10.65 -14.91 5.29
N GLU A 63 -9.86 -15.85 4.79
CA GLU A 63 -9.40 -15.75 3.42
C GLU A 63 -10.53 -16.15 2.49
N THR A 64 -11.17 -15.17 1.88
CA THR A 64 -12.16 -15.46 0.87
C THR A 64 -11.60 -14.97 -0.46
N GLY A 65 -12.22 -15.43 -1.53
CA GLY A 65 -11.94 -14.92 -2.87
C GLY A 65 -12.08 -13.41 -2.90
N GLN A 66 -13.16 -12.92 -2.31
CA GLN A 66 -13.41 -11.48 -2.26
C GLN A 66 -12.31 -10.72 -1.54
N GLU A 67 -11.89 -11.20 -0.38
CA GLU A 67 -10.84 -10.52 0.39
C GLU A 67 -9.54 -10.51 -0.42
N THR A 68 -9.22 -11.65 -1.03
CA THR A 68 -7.99 -11.79 -1.81
C THR A 68 -8.02 -10.89 -3.04
N ALA A 69 -9.19 -10.81 -3.68
CA ALA A 69 -9.38 -9.99 -4.86
C ALA A 69 -9.19 -8.53 -4.53
N TYR A 70 -9.79 -8.09 -3.43
CA TYR A 70 -9.66 -6.71 -2.98
C TYR A 70 -8.23 -6.37 -2.62
N PHE A 71 -7.58 -7.28 -1.91
CA PHE A 71 -6.17 -7.14 -1.55
C PHE A 71 -5.27 -7.02 -2.79
N LEU A 72 -5.51 -7.85 -3.79
CA LEU A 72 -4.73 -7.83 -5.02
C LEU A 72 -4.94 -6.53 -5.79
N LEU A 73 -6.18 -6.05 -5.81
CA LEU A 73 -6.49 -4.78 -6.44
C LEU A 73 -5.67 -3.66 -5.78
N LYS A 74 -5.65 -3.63 -4.46
CA LYS A 74 -4.89 -2.62 -3.70
CA LYS A 74 -4.89 -2.62 -3.70
C LYS A 74 -3.42 -2.69 -4.03
N LEU A 75 -2.88 -3.89 -4.02
CA LEU A 75 -1.47 -4.12 -4.32
C LEU A 75 -1.09 -3.66 -5.72
N ALA A 76 -1.90 -4.07 -6.70
CA ALA A 76 -1.60 -3.76 -8.10
C ALA A 76 -1.77 -2.28 -8.41
N GLY A 77 -2.60 -1.59 -7.64
CA GLY A 77 -2.70 -0.13 -7.77
C GLY A 77 -1.48 0.59 -7.25
N ARG A 78 -0.70 -0.10 -6.42
CA ARG A 78 0.41 0.52 -5.69
C ARG A 78 1.79 0.16 -6.23
N TRP A 79 1.90 -1.05 -6.80
CA TRP A 79 3.13 -1.56 -7.38
C TRP A 79 2.82 -2.22 -8.70
N PRO A 80 3.79 -2.27 -9.63
CA PRO A 80 3.57 -2.89 -10.92
C PRO A 80 3.56 -4.41 -10.81
N VAL A 81 2.37 -4.94 -10.58
CA VAL A 81 2.17 -6.37 -10.36
C VAL A 81 1.87 -7.04 -11.69
N LYS A 82 2.86 -7.73 -12.24
CA LYS A 82 2.68 -8.42 -13.52
C LYS A 82 2.13 -9.81 -13.28
N THR A 83 2.69 -10.49 -12.28
CA THR A 83 2.35 -11.86 -12.04
C THR A 83 2.15 -12.10 -10.57
N VAL A 84 1.05 -12.77 -10.23
CA VAL A 84 0.80 -13.19 -8.85
CA VAL A 84 0.82 -13.20 -8.86
C VAL A 84 0.77 -14.71 -8.77
N HIS A 85 1.64 -15.26 -7.95
CA HIS A 85 1.56 -16.66 -7.61
C HIS A 85 0.63 -16.69 -6.42
N THR A 86 -0.55 -17.28 -6.66
CA THR A 86 -1.59 -17.35 -5.64
CA THR A 86 -1.58 -17.35 -5.65
C THR A 86 -1.13 -18.28 -4.54
N ASP A 87 -1.69 -18.11 -3.35
CA ASP A 87 -1.24 -18.88 -2.18
C ASP A 87 -1.83 -20.27 -2.08
N ASN A 88 -2.97 -20.48 -2.74
CA ASN A 88 -3.62 -21.79 -2.70
C ASN A 88 -4.55 -21.94 -3.88
N GLY A 89 -5.07 -23.14 -4.05
CA GLY A 89 -5.90 -23.45 -5.21
C GLY A 89 -7.24 -22.76 -5.20
N SER A 90 -7.75 -22.47 -4.02
CA SER A 90 -9.06 -21.83 -3.89
C SER A 90 -8.99 -20.42 -4.46
N ASN A 91 -7.94 -19.70 -4.09
CA ASN A 91 -7.72 -18.37 -4.64
C ASN A 91 -7.32 -18.42 -6.11
N PHE A 92 -6.65 -19.49 -6.52
CA PHE A 92 -6.33 -19.68 -7.93
C PHE A 92 -7.63 -19.92 -8.70
N THR A 93 -8.54 -20.65 -8.08
CA THR A 93 -9.77 -21.05 -8.74
C THR A 93 -10.80 -19.94 -8.71
N SER A 94 -10.83 -19.21 -7.60
CA SER A 94 -11.85 -18.20 -7.34
C SER A 94 -12.07 -17.31 -8.56
N THR A 95 -13.33 -17.23 -8.98
CA THR A 95 -13.69 -16.37 -10.10
C THR A 95 -13.54 -14.89 -9.69
N THR A 96 -13.82 -14.57 -8.44
CA THR A 96 -13.59 -13.23 -7.94
C THR A 96 -12.11 -12.83 -8.00
N VAL A 97 -11.23 -13.76 -7.61
CA VAL A 97 -9.82 -13.50 -7.72
C VAL A 97 -9.41 -13.36 -9.20
N LYS A 98 -9.92 -14.23 -10.06
CA LYS A 98 -9.61 -14.12 -11.50
C LYS A 98 -10.10 -12.79 -12.06
N ALA A 99 -11.29 -12.37 -11.61
CA ALA A 99 -11.86 -11.09 -12.02
C ALA A 99 -10.97 -9.91 -11.61
N ALA A 100 -10.43 -9.96 -10.40
CA ALA A 100 -9.51 -8.93 -9.93
C ALA A 100 -8.22 -8.93 -10.72
N CYS A 101 -7.68 -10.13 -10.98
CA CYS A 101 -6.45 -10.27 -11.76
C CYS A 101 -6.66 -9.77 -13.19
N TRP A 102 -7.77 -10.19 -13.79
CA TRP A 102 -8.17 -9.61 -15.06
C TRP A 102 -8.22 -8.07 -14.91
N TRP A 103 -8.98 -7.58 -13.95
CA TRP A 103 -9.17 -6.14 -13.83
C TRP A 103 -7.84 -5.41 -13.73
N ALA A 104 -6.97 -5.91 -12.86
CA ALA A 104 -5.71 -5.24 -12.57
C ALA A 104 -4.59 -5.60 -13.54
N GLY A 105 -4.87 -6.39 -14.58
CA GLY A 105 -3.83 -6.75 -15.55
C GLY A 105 -2.81 -7.70 -14.98
N ILE A 106 -3.22 -8.56 -14.05
CA ILE A 106 -2.30 -9.49 -13.41
C ILE A 106 -2.42 -10.87 -14.00
N LYS A 107 -1.28 -11.45 -14.40
CA LYS A 107 -1.22 -12.86 -14.73
CA LYS A 107 -1.18 -12.87 -14.71
C LYS A 107 -1.34 -13.67 -13.44
N GLN A 108 -2.44 -14.35 -13.28
CA GLN A 108 -2.65 -15.16 -12.12
C GLN A 108 -2.01 -16.50 -12.39
N GLU A 109 -1.05 -16.87 -11.55
CA GLU A 109 -0.40 -18.16 -11.65
C GLU A 109 -0.61 -18.95 -10.38
N ASP A 110 -0.32 -20.24 -10.46
CA ASP A 110 -0.29 -21.09 -9.28
C ASP A 110 0.93 -20.71 -8.47
N GLY A 111 1.05 -21.27 -7.28
CA GLY A 111 2.14 -20.97 -6.37
C GLY A 111 2.89 -22.25 -6.09
N ILE A 112 2.85 -23.15 -7.07
CA ILE A 112 3.50 -24.44 -6.91
C ILE A 112 4.99 -24.15 -6.75
N PRO A 113 5.58 -24.62 -5.65
CA PRO A 113 6.98 -24.31 -5.44
C PRO A 113 7.85 -25.27 -6.24
N TYR A 114 7.81 -25.13 -7.57
CA TYR A 114 8.66 -25.92 -8.47
C TYR A 114 10.09 -25.81 -7.97
N ASN A 115 10.46 -24.61 -7.52
CA ASN A 115 11.66 -24.42 -6.71
C ASN A 115 11.31 -24.61 -5.23
N PRO A 116 11.82 -25.70 -4.61
CA PRO A 116 11.46 -26.03 -3.23
C PRO A 116 11.88 -24.98 -2.19
N GLN A 117 12.91 -24.19 -2.51
CA GLN A 117 13.36 -23.10 -1.63
C GLN A 117 12.27 -22.05 -1.38
N SER A 118 11.31 -21.94 -2.29
CA SER A 118 10.17 -21.02 -2.13
C SER A 118 9.39 -21.26 -0.83
N GLN A 119 9.08 -22.53 -0.53
CA GLN A 119 8.32 -22.86 0.69
C GLN A 119 9.04 -22.43 1.94
N GLY A 120 10.32 -22.81 2.03
CA GLY A 120 11.13 -22.50 3.20
C GLY A 120 11.29 -21.01 3.38
N VAL A 121 11.46 -20.29 2.26
CA VAL A 121 11.52 -18.82 2.29
C VAL A 121 10.22 -18.24 2.82
N ILE A 122 9.09 -18.75 2.34
N ILE A 122 9.09 -18.75 2.34
CA ILE A 122 7.77 -18.27 2.77
CA ILE A 122 7.77 -18.27 2.77
C ILE A 122 7.49 -18.61 4.22
C ILE A 122 7.49 -18.61 4.22
N GLU A 123 7.76 -19.85 4.61
CA GLU A 123 7.54 -20.29 5.98
C GLU A 123 8.42 -19.51 6.97
N SER A 124 9.65 -19.22 6.56
CA SER A 124 10.58 -18.43 7.38
C SER A 124 10.09 -17.00 7.55
N MET A 125 9.59 -16.43 6.47
CA MET A 125 9.03 -15.08 6.52
C MET A 125 7.82 -15.02 7.45
N ASN A 126 6.95 -16.03 7.38
CA ASN A 126 5.80 -16.10 8.27
C ASN A 126 6.23 -16.15 9.72
N LYS A 127 7.23 -16.95 10.01
CA LYS A 127 7.80 -17.06 11.34
C LYS A 127 8.33 -15.69 11.79
N GLU A 128 9.16 -15.08 10.96
CA GLU A 128 9.69 -13.73 11.21
C GLU A 128 8.56 -12.72 11.45
N LEU A 129 7.54 -12.74 10.59
CA LEU A 129 6.44 -11.77 10.72
C LEU A 129 5.71 -11.95 12.04
N LYS A 130 5.43 -13.20 12.39
CA LYS A 130 4.82 -13.50 13.68
C LYS A 130 5.68 -13.06 14.85
N LYS A 131 6.98 -13.25 14.73
CA LYS A 131 7.93 -12.80 15.75
C LYS A 131 7.83 -11.28 15.92
N ILE A 132 7.86 -10.55 14.82
CA ILE A 132 7.78 -9.10 14.89
C ILE A 132 6.43 -8.68 15.48
N ILE A 133 5.35 -9.29 15.02
CA ILE A 133 4.02 -8.98 15.55
C ILE A 133 4.01 -9.14 17.07
N GLY A 134 4.54 -10.26 17.57
CA GLY A 134 4.71 -10.48 19.01
C GLY A 134 5.56 -9.42 19.70
N GLN A 135 6.63 -8.98 19.05
CA GLN A 135 7.48 -7.91 19.57
C GLN A 135 6.78 -6.55 19.67
N VAL A 136 5.77 -6.31 18.85
CA VAL A 136 5.02 -5.03 18.87
C VAL A 136 3.62 -5.16 19.45
N ARG A 137 3.19 -6.39 19.70
CA ARG A 137 1.77 -6.67 19.95
C ARG A 137 1.18 -5.80 21.04
N ASP A 138 1.95 -5.58 22.11
CA ASP A 138 1.51 -4.79 23.27
C ASP A 138 1.43 -3.29 23.01
N GLN A 139 2.10 -2.80 21.96
CA GLN A 139 2.09 -1.37 21.64
C GLN A 139 0.80 -0.93 20.99
N ALA A 140 -0.02 -1.89 20.58
CA ALA A 140 -1.29 -1.58 19.92
C ALA A 140 -2.37 -2.48 20.45
N GLU A 141 -3.57 -1.94 20.51
CA GLU A 141 -4.72 -2.68 20.95
C GLU A 141 -5.10 -3.75 19.93
N HIS A 142 -4.99 -3.42 18.65
N HIS A 142 -5.00 -3.43 18.64
CA HIS A 142 -5.51 -4.30 17.60
CA HIS A 142 -5.52 -4.31 17.59
C HIS A 142 -4.44 -5.01 16.77
C HIS A 142 -4.44 -5.01 16.77
N LEU A 143 -4.74 -6.25 16.39
CA LEU A 143 -3.83 -7.05 15.59
C LEU A 143 -3.47 -6.37 14.27
N LYS A 144 -4.43 -5.75 13.60
CA LYS A 144 -4.13 -5.17 12.31
C LYS A 144 -3.04 -4.09 12.41
N THR A 145 -3.05 -3.31 13.49
CA THR A 145 -2.02 -2.31 13.73
C THR A 145 -0.67 -2.98 13.91
N ALA A 146 -0.63 -4.02 14.73
CA ALA A 146 0.59 -4.79 14.94
C ALA A 146 1.12 -5.40 13.65
N VAL A 147 0.23 -5.86 12.78
CA VAL A 147 0.64 -6.43 11.49
C VAL A 147 1.28 -5.36 10.59
N GLN A 148 0.74 -4.15 10.61
CA GLN A 148 1.29 -3.06 9.81
C GLN A 148 2.62 -2.57 10.39
N MET A 149 2.74 -2.57 11.71
CA MET A 149 4.02 -2.34 12.35
C MET A 149 5.03 -3.36 11.85
N ALA A 150 4.59 -4.61 11.74
CA ALA A 150 5.49 -5.68 11.29
C ALA A 150 5.87 -5.47 9.85
N VAL A 151 4.89 -5.13 9.01
CA VAL A 151 5.21 -4.78 7.63
C VAL A 151 6.31 -3.70 7.60
N PHE A 152 6.12 -2.65 8.38
CA PHE A 152 7.06 -1.55 8.40
C PHE A 152 8.43 -2.07 8.78
N ILE A 153 8.49 -2.78 9.88
CA ILE A 153 9.77 -3.28 10.35
C ILE A 153 10.40 -4.21 9.31
N HIS A 154 9.62 -5.13 8.75
CA HIS A 154 10.16 -6.03 7.74
C HIS A 154 10.75 -5.29 6.55
N ASN A 155 9.98 -4.35 5.98
CA ASN A 155 10.42 -3.64 4.78
C ASN A 155 11.57 -2.67 4.97
N HIS A 156 11.75 -2.20 6.19
CA HIS A 156 12.83 -1.25 6.50
C HIS A 156 14.08 -1.96 7.00
N LYS A 157 13.95 -3.23 7.39
CA LYS A 157 15.06 -3.97 7.99
C LYS A 157 16.23 -4.12 7.03
N ARG A 158 17.41 -3.65 7.47
CA ARG A 158 18.63 -3.79 6.68
C ARG A 158 19.30 -5.14 6.94
N LYS A 159 19.59 -5.86 5.86
CA LYS A 159 20.28 -7.15 5.94
C LYS A 159 21.54 -7.16 5.07
N GLY A 164 24.25 -3.30 3.08
CA GLY A 164 23.07 -3.48 3.91
C GLY A 164 21.84 -2.76 3.38
N TYR A 165 21.20 -3.32 2.35
CA TYR A 165 19.98 -2.73 1.79
C TYR A 165 18.71 -3.32 2.39
N SER A 166 17.64 -2.54 2.39
CA SER A 166 16.33 -3.01 2.86
C SER A 166 15.51 -3.58 1.72
N ALA A 167 14.49 -4.36 2.07
CA ALA A 167 13.55 -4.85 1.06
C ALA A 167 12.95 -3.66 0.32
N GLY A 168 12.56 -2.62 1.06
CA GLY A 168 12.01 -1.39 0.48
C GLY A 168 12.93 -0.77 -0.55
N GLU A 169 14.21 -0.68 -0.23
CA GLU A 169 15.21 -0.18 -1.17
C GLU A 169 15.38 -1.11 -2.35
N ARG A 170 15.34 -2.42 -2.09
CA ARG A 170 15.54 -3.39 -3.14
C ARG A 170 14.41 -3.36 -4.15
N ILE A 171 13.16 -3.30 -3.68
CA ILE A 171 12.05 -3.33 -4.64
C ILE A 171 12.10 -2.10 -5.56
N VAL A 172 12.36 -0.94 -4.97
CA VAL A 172 12.45 0.30 -5.73
C VAL A 172 13.57 0.22 -6.76
N ASP A 173 14.75 -0.24 -6.32
CA ASP A 173 15.91 -0.40 -7.20
CA ASP A 173 15.91 -0.39 -7.19
C ASP A 173 15.63 -1.36 -8.33
N ILE A 174 15.06 -2.51 -7.99
CA ILE A 174 14.75 -3.51 -9.00
C ILE A 174 13.81 -2.91 -10.02
N ILE A 175 12.72 -2.30 -9.54
CA ILE A 175 11.72 -1.77 -10.45
C ILE A 175 12.29 -0.61 -11.25
N ALA A 176 13.12 0.21 -10.60
CA ALA A 176 13.73 1.35 -11.29
C ALA A 176 14.64 0.89 -12.41
N THR A 177 15.49 -0.09 -12.12
CA THR A 177 16.39 -0.64 -13.13
C THR A 177 15.57 -1.15 -14.31
N ASP A 178 14.48 -1.84 -14.02
CA ASP A 178 13.58 -2.37 -15.05
C ASP A 178 12.94 -1.26 -15.89
N ILE A 179 12.45 -0.21 -15.24
CA ILE A 179 11.86 0.93 -15.95
C ILE A 179 12.89 1.53 -16.91
N GLN A 180 14.13 1.65 -16.46
CA GLN A 180 15.21 2.11 -17.34
C GLN A 180 15.58 0.97 -18.27
N SER B 27 12.66 14.68 2.56
CA SER B 27 13.49 15.14 1.43
C SER B 27 12.47 15.05 0.36
N SER B 28 12.63 15.77 -0.73
CA SER B 28 11.63 15.70 -1.79
C SER B 28 11.14 14.26 -2.09
N PRO B 29 12.05 13.27 -2.19
CA PRO B 29 11.51 11.91 -2.36
C PRO B 29 10.70 11.36 -1.19
N GLY B 30 10.88 11.90 0.02
CA GLY B 30 10.15 11.41 1.19
C GLY B 30 8.97 12.28 1.63
N ILE B 31 8.53 13.23 0.81
CA ILE B 31 7.49 14.16 1.22
C ILE B 31 6.13 13.70 0.72
N TRP B 32 5.21 13.53 1.65
CA TRP B 32 3.85 13.16 1.32
C TRP B 32 2.89 14.16 1.89
N GLN B 33 1.73 14.23 1.25
CA GLN B 33 0.65 15.13 1.64
CA GLN B 33 0.66 15.12 1.66
C GLN B 33 -0.62 14.34 1.86
N LEU B 34 -1.21 14.46 3.05
CA LEU B 34 -2.49 13.88 3.32
C LEU B 34 -3.55 14.75 2.72
N ASP B 35 -4.63 14.11 2.34
CA ASP B 35 -5.72 14.77 1.68
C ASP B 35 -6.96 13.95 2.00
N CYS B 36 -8.00 14.65 2.45
CA CYS B 36 -9.23 13.99 2.80
C CYS B 36 -10.34 14.53 1.92
N THR B 37 -11.05 13.65 1.24
CA THR B 37 -12.19 14.04 0.42
C THR B 37 -13.40 13.16 0.74
N HIS B 38 -14.58 13.59 0.32
CA HIS B 38 -15.81 12.94 0.73
C HIS B 38 -16.61 12.47 -0.47
N LEU B 39 -17.25 11.32 -0.30
CA LEU B 39 -18.10 10.75 -1.34
C LEU B 39 -19.07 9.76 -0.72
N GLU B 40 -20.33 9.82 -1.17
CA GLU B 40 -21.37 8.90 -0.71
C GLU B 40 -21.52 8.86 0.82
N GLY B 41 -21.40 10.02 1.45
CA GLY B 41 -21.47 10.13 2.90
C GLY B 41 -20.30 9.46 3.60
N LYS B 42 -19.20 9.31 2.88
CA LYS B 42 -18.03 8.61 3.38
C LYS B 42 -16.77 9.39 3.09
N VAL B 43 -15.70 8.98 3.75
CA VAL B 43 -14.46 9.70 3.77
C VAL B 43 -13.42 8.90 3.01
N ILE B 44 -12.78 9.55 2.06
CA ILE B 44 -11.68 8.96 1.30
C ILE B 44 -10.42 9.68 1.77
N LEU B 45 -9.53 8.92 2.38
CA LEU B 45 -8.29 9.47 2.86
C LEU B 45 -7.22 9.13 1.85
N VAL B 46 -6.51 10.15 1.39
CA VAL B 46 -5.52 10.05 0.35
C VAL B 46 -4.17 10.59 0.86
N ALA B 47 -3.11 9.85 0.55
CA ALA B 47 -1.76 10.34 0.69
C ALA B 47 -1.17 10.48 -0.69
N VAL B 48 -0.66 11.67 -0.99
CA VAL B 48 -0.04 11.94 -2.27
C VAL B 48 1.45 12.11 -2.08
N HIS B 49 2.23 11.39 -2.88
CA HIS B 49 3.65 11.61 -2.93
C HIS B 49 3.88 12.83 -3.81
N VAL B 50 4.25 13.92 -3.17
CA VAL B 50 4.21 15.25 -3.78
CA VAL B 50 4.16 15.23 -3.81
C VAL B 50 4.99 15.34 -5.09
N ALA B 51 6.23 14.86 -5.07
CA ALA B 51 7.11 14.98 -6.23
C ALA B 51 6.65 14.15 -7.44
N SER B 52 5.86 13.10 -7.22
CA SER B 52 5.44 12.20 -8.30
C SER B 52 3.94 12.25 -8.64
N GLY B 53 3.10 12.59 -7.66
CA GLY B 53 1.66 12.47 -7.83
C GLY B 53 1.11 11.08 -7.56
N TYR B 54 1.97 10.16 -7.14
CA TYR B 54 1.54 8.81 -6.79
C TYR B 54 0.68 8.91 -5.53
N ILE B 55 -0.39 8.14 -5.46
CA ILE B 55 -1.25 8.14 -4.31
C ILE B 55 -1.50 6.75 -3.73
N GLU B 56 -1.83 6.74 -2.45
CA GLU B 56 -2.50 5.64 -1.80
C GLU B 56 -3.74 6.20 -1.16
N ALA B 57 -4.79 5.40 -1.09
CA ALA B 57 -6.05 5.88 -0.56
C ALA B 57 -6.85 4.79 0.09
N GLU B 58 -7.72 5.20 0.99
CA GLU B 58 -8.59 4.30 1.72
C GLU B 58 -9.93 4.96 1.96
N VAL B 59 -10.99 4.16 2.00
CA VAL B 59 -12.27 4.62 2.48
C VAL B 59 -12.34 4.36 3.97
N ILE B 60 -12.74 5.36 4.74
CA ILE B 60 -12.94 5.21 6.17
C ILE B 60 -14.30 5.79 6.54
N PRO B 61 -14.89 5.33 7.66
CA PRO B 61 -16.22 5.84 8.03
C PRO B 61 -16.18 7.32 8.38
N ALA B 62 -15.13 7.74 9.07
CA ALA B 62 -14.92 9.14 9.40
C ALA B 62 -13.45 9.40 9.59
N GLU B 63 -13.01 10.63 9.33
CA GLU B 63 -11.61 10.94 9.56
C GLU B 63 -11.38 11.14 11.04
N THR B 64 -10.81 10.14 11.69
CA THR B 64 -10.41 10.30 13.07
C THR B 64 -8.90 10.27 13.11
N GLY B 65 -8.35 10.72 14.24
CA GLY B 65 -6.94 10.58 14.53
C GLY B 65 -6.50 9.13 14.38
N GLN B 66 -7.28 8.22 14.93
CA GLN B 66 -6.98 6.79 14.85
C GLN B 66 -6.93 6.27 13.42
N GLU B 67 -7.92 6.63 12.61
CA GLU B 67 -7.93 6.21 11.21
C GLU B 67 -6.71 6.76 10.48
N THR B 68 -6.42 8.04 10.70
CA THR B 68 -5.30 8.70 10.04
C THR B 68 -3.97 8.09 10.47
N ALA B 69 -3.86 7.77 11.75
CA ALA B 69 -2.67 7.17 12.31
C ALA B 69 -2.41 5.80 11.71
N TYR B 70 -3.46 5.00 11.63
CA TYR B 70 -3.37 3.67 11.04
C TYR B 70 -2.99 3.73 9.56
N PHE B 71 -3.64 4.65 8.84
CA PHE B 71 -3.33 4.89 7.44
C PHE B 71 -1.85 5.29 7.23
N LEU B 72 -1.36 6.20 8.06
CA LEU B 72 0.02 6.64 7.97
C LEU B 72 1.01 5.52 8.26
N LEU B 73 0.68 4.70 9.24
CA LEU B 73 1.51 3.54 9.56
C LEU B 73 1.62 2.63 8.34
N LYS B 74 0.49 2.36 7.69
CA LYS B 74 0.47 1.51 6.49
CA LYS B 74 0.47 1.51 6.50
C LYS B 74 1.32 2.11 5.38
N LEU B 75 1.13 3.39 5.15
CA LEU B 75 1.87 4.10 4.12
C LEU B 75 3.37 4.06 4.35
N ALA B 76 3.76 4.38 5.59
CA ALA B 76 5.20 4.46 5.92
C ALA B 76 5.85 3.09 5.93
N GLY B 77 5.08 2.03 6.15
CA GLY B 77 5.60 0.67 6.03
C GLY B 77 5.88 0.28 4.59
N ARG B 78 5.25 1.00 3.65
CA ARG B 78 5.25 0.63 2.23
C ARG B 78 6.17 1.50 1.37
N TRP B 79 6.32 2.76 1.76
CA TRP B 79 7.15 3.75 1.09
C TRP B 79 7.96 4.51 2.11
N PRO B 80 9.13 5.05 1.70
CA PRO B 80 9.97 5.81 2.63
C PRO B 80 9.38 7.20 2.88
N VAL B 81 8.54 7.29 3.89
CA VAL B 81 7.82 8.49 4.24
C VAL B 81 8.64 9.28 5.26
N LYS B 82 9.30 10.34 4.79
CA LYS B 82 10.10 11.15 5.70
C LYS B 82 9.24 12.24 6.32
N THR B 83 8.39 12.84 5.51
CA THR B 83 7.63 13.98 5.96
C THR B 83 6.21 13.86 5.48
N VAL B 84 5.28 14.07 6.39
CA VAL B 84 3.87 14.14 6.03
CA VAL B 84 3.87 14.12 6.03
C VAL B 84 3.29 15.51 6.33
N HIS B 85 2.76 16.14 5.30
CA HIS B 85 1.99 17.33 5.47
C HIS B 85 0.59 16.84 5.74
N THR B 86 0.14 17.08 6.95
CA THR B 86 -1.17 16.62 7.39
CA THR B 86 -1.17 16.64 7.40
C THR B 86 -2.24 17.43 6.66
N ASP B 87 -3.44 16.85 6.55
CA ASP B 87 -4.50 17.48 5.76
C ASP B 87 -5.26 18.58 6.50
N ASN B 88 -5.23 18.54 7.82
CA ASN B 88 -5.93 19.54 8.63
C ASN B 88 -5.32 19.61 10.01
N GLY B 89 -5.76 20.60 10.78
CA GLY B 89 -5.17 20.85 12.08
C GLY B 89 -5.50 19.79 13.11
N SER B 90 -6.64 19.12 12.93
CA SER B 90 -7.07 18.10 13.87
C SER B 90 -6.12 16.92 13.81
N ASN B 91 -5.79 16.49 12.59
CA ASN B 91 -4.81 15.44 12.39
C ASN B 91 -3.40 15.90 12.75
N PHE B 92 -3.12 17.18 12.57
CA PHE B 92 -1.84 17.74 12.99
C PHE B 92 -1.76 17.69 14.51
N THR B 93 -2.89 17.96 15.15
CA THR B 93 -2.93 18.07 16.60
C THR B 93 -3.03 16.71 17.27
N SER B 94 -3.77 15.81 16.63
CA SER B 94 -4.08 14.51 17.18
C SER B 94 -2.84 13.85 17.78
N THR B 95 -2.94 13.44 19.04
CA THR B 95 -1.85 12.75 19.71
C THR B 95 -1.67 11.34 19.11
N THR B 96 -2.78 10.73 18.70
CA THR B 96 -2.70 9.44 18.00
C THR B 96 -1.94 9.55 16.67
N VAL B 97 -2.21 10.62 15.93
CA VAL B 97 -1.47 10.85 14.70
C VAL B 97 0.01 11.13 15.03
N LYS B 98 0.28 11.94 16.04
CA LYS B 98 1.68 12.21 16.43
C LYS B 98 2.38 10.93 16.87
N ALA B 99 1.67 10.08 17.59
CA ALA B 99 2.20 8.78 18.02
C ALA B 99 2.56 7.91 16.83
N ALA B 100 1.71 7.88 15.80
CA ALA B 100 1.99 7.12 14.59
C ALA B 100 3.18 7.69 13.83
N CYS B 101 3.25 9.01 13.73
CA CYS B 101 4.38 9.68 13.08
C CYS B 101 5.67 9.43 13.84
N TRP B 102 5.62 9.58 15.15
CA TRP B 102 6.73 9.16 15.98
C TRP B 102 7.07 7.70 15.67
N TRP B 103 6.09 6.81 15.77
CA TRP B 103 6.37 5.38 15.60
C TRP B 103 7.04 5.12 14.27
N ALA B 104 6.48 5.68 13.19
CA ALA B 104 6.95 5.40 11.85
C ALA B 104 8.12 6.27 11.41
N GLY B 105 8.65 7.10 12.29
CA GLY B 105 9.78 7.94 11.93
C GLY B 105 9.40 9.03 10.95
N ILE B 106 8.18 9.54 11.06
CA ILE B 106 7.69 10.57 10.14
C ILE B 106 7.72 11.93 10.78
N LYS B 107 8.33 12.90 10.10
CA LYS B 107 8.20 14.32 10.44
CA LYS B 107 8.21 14.30 10.48
C LYS B 107 6.79 14.77 10.12
N GLN B 108 6.01 15.03 11.15
CA GLN B 108 4.66 15.49 10.94
C GLN B 108 4.72 16.99 10.77
N GLU B 109 4.27 17.47 9.62
CA GLU B 109 4.22 18.88 9.36
C GLU B 109 2.80 19.32 9.09
N ASP B 110 2.58 20.63 9.14
CA ASP B 110 1.31 21.19 8.72
C ASP B 110 1.22 21.07 7.21
N GLY B 111 0.06 21.40 6.67
CA GLY B 111 -0.19 21.30 5.23
C GLY B 111 -0.51 22.66 4.69
N ILE B 112 0.02 23.67 5.36
CA ILE B 112 -0.24 25.05 4.98
C ILE B 112 0.31 25.21 3.57
N PRO B 113 -0.55 25.61 2.62
CA PRO B 113 -0.06 25.71 1.26
C PRO B 113 0.68 27.03 1.08
N TYR B 114 1.86 27.13 1.71
CA TYR B 114 2.73 28.29 1.56
C TYR B 114 2.91 28.55 0.07
N ASN B 115 3.04 27.45 -0.68
CA ASN B 115 2.89 27.47 -2.13
C ASN B 115 1.41 27.27 -2.50
N PRO B 116 0.76 28.33 -3.01
CA PRO B 116 -0.69 28.27 -3.30
C PRO B 116 -1.08 27.23 -4.36
N GLN B 117 -0.16 26.87 -5.25
CA GLN B 117 -0.40 25.82 -6.25
C GLN B 117 -0.73 24.46 -5.64
N SER B 118 -0.31 24.23 -4.40
CA SER B 118 -0.63 22.99 -3.68
C SER B 118 -2.14 22.73 -3.58
N GLN B 119 -2.91 23.77 -3.21
CA GLN B 119 -4.37 23.63 -3.06
C GLN B 119 -5.03 23.21 -4.37
N GLY B 120 -4.70 23.93 -5.43
CA GLY B 120 -5.26 23.68 -6.75
C GLY B 120 -4.91 22.30 -7.25
N VAL B 121 -3.67 21.89 -7.01
CA VAL B 121 -3.22 20.55 -7.36
C VAL B 121 -4.02 19.50 -6.60
N ILE B 122 -4.22 19.71 -5.29
CA ILE B 122 -4.97 18.78 -4.46
C ILE B 122 -6.44 18.72 -4.85
N GLU B 123 -7.05 19.89 -5.02
CA GLU B 123 -8.47 19.96 -5.38
C GLU B 123 -8.72 19.32 -6.74
N SER B 124 -7.79 19.52 -7.68
CA SER B 124 -7.88 18.91 -9.01
C SER B 124 -7.76 17.39 -8.94
N MET B 125 -6.85 16.92 -8.11
CA MET B 125 -6.69 15.48 -7.92
C MET B 125 -7.96 14.87 -7.32
N ASN B 126 -8.56 15.55 -6.35
CA ASN B 126 -9.81 15.08 -5.77
C ASN B 126 -10.92 14.98 -6.80
N LYS B 127 -11.02 15.99 -7.65
CA LYS B 127 -11.96 16.00 -8.75
CA LYS B 127 -11.97 15.98 -8.74
C LYS B 127 -11.70 14.80 -9.67
N GLU B 128 -10.46 14.66 -10.12
CA GLU B 128 -10.04 13.52 -10.95
C GLU B 128 -10.37 12.18 -10.30
N LEU B 129 -10.05 12.04 -9.01
N LEU B 129 -10.03 12.05 -9.01
CA LEU B 129 -10.31 10.78 -8.31
CA LEU B 129 -10.28 10.82 -8.27
C LEU B 129 -11.80 10.46 -8.26
C LEU B 129 -11.77 10.48 -8.26
N LYS B 130 -12.60 11.47 -7.95
CA LYS B 130 -14.05 11.31 -7.96
C LYS B 130 -14.59 10.94 -9.34
N LYS B 131 -14.02 11.56 -10.37
CA LYS B 131 -14.37 11.25 -11.75
C LYS B 131 -14.09 9.75 -12.03
N ILE B 132 -12.91 9.30 -11.67
CA ILE B 132 -12.55 7.90 -11.91
C ILE B 132 -13.45 6.99 -11.12
N ILE B 133 -13.67 7.30 -9.84
CA ILE B 133 -14.57 6.51 -9.02
C ILE B 133 -15.93 6.36 -9.70
N GLY B 134 -16.50 7.47 -10.16
CA GLY B 134 -17.74 7.44 -10.93
C GLY B 134 -17.68 6.59 -12.19
N GLN B 135 -16.55 6.63 -12.89
CA GLN B 135 -16.33 5.81 -14.08
C GLN B 135 -16.27 4.30 -13.80
N VAL B 136 -15.90 3.92 -12.57
CA VAL B 136 -15.80 2.50 -12.19
C VAL B 136 -16.89 2.07 -11.23
N ARG B 137 -17.67 3.03 -10.73
CA ARG B 137 -18.53 2.80 -9.58
C ARG B 137 -19.44 1.59 -9.73
N ASP B 138 -19.99 1.42 -10.94
CA ASP B 138 -20.91 0.33 -11.25
C ASP B 138 -20.24 -1.06 -11.36
N GLN B 139 -18.92 -1.09 -11.54
CA GLN B 139 -18.20 -2.36 -11.66
C GLN B 139 -18.02 -3.05 -10.32
N ALA B 140 -18.30 -2.34 -9.24
CA ALA B 140 -18.13 -2.90 -7.90
C ALA B 140 -19.31 -2.53 -7.04
N GLU B 141 -19.66 -3.42 -6.12
CA GLU B 141 -20.73 -3.20 -5.18
C GLU B 141 -20.34 -2.10 -4.19
N HIS B 142 -19.08 -2.11 -3.76
CA HIS B 142 -18.66 -1.24 -2.65
C HIS B 142 -17.75 -0.08 -3.05
N LEU B 143 -17.93 1.05 -2.38
CA LEU B 143 -17.13 2.23 -2.64
C LEU B 143 -15.64 1.95 -2.47
N LYS B 144 -15.26 1.21 -1.44
CA LYS B 144 -13.83 1.01 -1.19
C LYS B 144 -13.14 0.34 -2.38
N THR B 145 -13.84 -0.60 -3.03
CA THR B 145 -13.33 -1.25 -4.23
C THR B 145 -13.14 -0.24 -5.36
N ALA B 146 -14.15 0.60 -5.58
CA ALA B 146 -14.10 1.66 -6.58
C ALA B 146 -12.96 2.64 -6.33
N VAL B 147 -12.73 2.97 -5.05
CA VAL B 147 -11.62 3.87 -4.69
C VAL B 147 -10.26 3.25 -5.03
N GLN B 148 -10.11 1.95 -4.81
CA GLN B 148 -8.86 1.26 -5.12
C GLN B 148 -8.67 1.11 -6.62
N MET B 149 -9.76 0.87 -7.33
CA MET B 149 -9.72 0.93 -8.79
C MET B 149 -9.22 2.29 -9.25
N ALA B 150 -9.71 3.35 -8.59
CA ALA B 150 -9.29 4.70 -8.93
C ALA B 150 -7.82 4.91 -8.61
N VAL B 151 -7.38 4.44 -7.46
CA VAL B 151 -5.96 4.48 -7.13
C VAL B 151 -5.15 3.84 -8.27
N PHE B 152 -5.56 2.65 -8.68
CA PHE B 152 -4.86 1.92 -9.71
C PHE B 152 -4.79 2.77 -10.96
N ILE B 153 -5.94 3.25 -11.39
CA ILE B 153 -5.99 4.01 -12.62
C ILE B 153 -5.14 5.27 -12.49
N HIS B 154 -5.25 5.98 -11.39
CA HIS B 154 -4.45 7.19 -11.21
C HIS B 154 -2.95 6.92 -11.28
N ASN B 155 -2.49 5.90 -10.56
CA ASN B 155 -1.05 5.62 -10.50
C ASN B 155 -0.45 5.03 -11.77
N HIS B 156 -1.29 4.42 -12.59
CA HIS B 156 -0.83 3.82 -13.85
C HIS B 156 -0.97 4.77 -15.03
N LYS B 157 -1.76 5.83 -14.85
CA LYS B 157 -2.07 6.76 -15.94
C LYS B 157 -0.81 7.44 -16.47
N ARG B 158 -0.57 7.31 -17.77
CA ARG B 158 0.55 7.97 -18.42
C ARG B 158 0.17 9.39 -18.84
N LYS B 159 0.96 10.38 -18.41
CA LYS B 159 0.64 11.80 -18.64
C LYS B 159 1.72 12.48 -19.48
N GLY B 164 6.10 9.83 -21.64
CA GLY B 164 4.84 9.51 -21.00
C GLY B 164 4.99 8.57 -19.82
N TYR B 165 5.47 9.09 -18.69
CA TYR B 165 5.65 8.28 -17.49
C TYR B 165 4.43 8.35 -16.58
N SER B 166 4.24 7.29 -15.80
CA SER B 166 3.17 7.23 -14.81
C SER B 166 3.64 7.74 -13.45
N ALA B 167 2.70 8.08 -12.59
CA ALA B 167 3.02 8.43 -11.21
C ALA B 167 3.80 7.28 -10.57
N GLY B 168 3.33 6.06 -10.79
CA GLY B 168 3.99 4.86 -10.27
C GLY B 168 5.44 4.75 -10.69
N GLU B 169 5.70 5.00 -11.97
CA GLU B 169 7.07 5.02 -12.48
C GLU B 169 7.87 6.17 -11.90
N ARG B 170 7.23 7.32 -11.74
CA ARG B 170 7.91 8.51 -11.23
C ARG B 170 8.32 8.32 -9.79
N ILE B 171 7.44 7.81 -8.94
CA ILE B 171 7.80 7.66 -7.53
C ILE B 171 9.00 6.71 -7.39
N VAL B 172 8.97 5.60 -8.10
CA VAL B 172 10.05 4.61 -8.06
C VAL B 172 11.37 5.24 -8.52
N ASP B 173 11.31 5.93 -9.67
CA ASP B 173 12.47 6.62 -10.22
C ASP B 173 13.03 7.66 -9.28
N ILE B 174 12.15 8.48 -8.72
CA ILE B 174 12.56 9.52 -7.79
C ILE B 174 13.27 8.87 -6.61
N ILE B 175 12.61 7.88 -6.00
CA ILE B 175 13.17 7.26 -4.81
C ILE B 175 14.45 6.51 -5.16
N ALA B 176 14.50 5.88 -6.33
CA ALA B 176 15.68 5.13 -6.74
C ALA B 176 16.87 6.07 -6.93
N THR B 177 16.64 7.17 -7.63
CA THR B 177 17.68 8.18 -7.82
C THR B 177 18.23 8.65 -6.48
N ASP B 178 17.32 8.89 -5.54
CA ASP B 178 17.69 9.31 -4.19
C ASP B 178 18.51 8.25 -3.46
N ILE B 179 18.09 6.99 -3.52
CA ILE B 179 18.84 5.89 -2.91
C ILE B 179 20.27 5.83 -3.47
N GLN B 180 20.39 5.98 -4.79
CA GLN B 180 21.70 5.93 -5.46
C GLN B 180 22.53 7.17 -5.15
S SO4 C . 0.13 -20.69 9.41
O1 SO4 C . -0.92 -20.85 8.38
O2 SO4 C . 0.50 -22.02 9.92
O3 SO4 C . -0.43 -19.86 10.49
O4 SO4 C . 1.34 -20.09 8.82
S SO4 D . -8.14 -7.26 17.64
O1 SO4 D . -8.63 -6.25 16.68
O2 SO4 D . -6.75 -7.63 17.33
O3 SO4 D . -9.00 -8.46 17.53
O4 SO4 D . -8.19 -6.74 19.02
S SO4 E . -15.46 -16.72 -5.28
O1 SO4 E . -15.28 -16.12 -6.63
O2 SO4 E . -14.14 -17.01 -4.66
O3 SO4 E . -16.23 -17.96 -5.42
O4 SO4 E . -16.22 -15.78 -4.43
C1 EDO F . 2.58 1.35 -9.64
O1 EDO F . 2.57 0.98 -11.03
C2 EDO F . 3.99 1.66 -9.15
O2 EDO F . 4.91 1.66 -10.27
C3 5EY G . -0.21 3.34 14.62
C2 5EY G . 1.08 3.68 14.95
C4 5EY G . -1.13 3.02 15.60
C12 5EY G . -3.79 3.56 16.39
C1 5EY G . 1.47 3.72 16.26
C13 5EY G . -4.70 3.62 15.37
C5 5EY G . -0.73 3.06 16.90
C11 5EY G . -3.73 2.45 17.19
C16 5EY G . -4.59 1.39 16.99
C6 5EY G . 0.55 3.40 17.23
C14 5EY G . -5.56 2.55 15.16
C15 5EY G . -5.51 1.43 15.97
C9 5EY G . -1.45 2.77 18.12
C10 5EY G . -2.75 2.48 18.27
C17 5EY G . -4.51 0.21 17.88
C26 5EY G . -8.51 -2.84 15.04
C7 5EY G . 0.80 3.39 18.70
C22 5EY G . -7.47 1.84 14.62
C8 5EY G . -0.49 2.83 19.26
C21 5EY G . -6.95 0.45 14.45
C25 5EY G . -7.35 -1.88 15.20
C24 5EY G . -7.96 -0.64 14.60
O19 5EY G . -4.31 -0.91 17.32
O28 5EY G . -8.17 -4.06 14.91
O18 5EY G . -4.62 0.40 19.11
O27 5EY G . -9.66 -2.32 15.05
O23 5EY G . -6.45 2.67 14.12
O20 5EY G . -6.38 0.36 15.76
O29 5EY G . -0.95 3.71 20.27
C1 EE2 H . -0.23 3.42 14.50
C2 EE2 H . 1.10 3.63 14.78
C3 EE2 H . -1.15 3.20 15.50
C4 EE2 H . -3.94 3.63 16.42
C5 EE2 H . 1.53 3.62 16.08
C6 EE2 H . -4.92 3.61 15.47
C7 EE2 H . -0.70 3.21 16.80
C8 EE2 H . -3.75 2.56 17.25
C9 EE2 H . -4.58 1.46 17.16
C10 EE2 H . 0.62 3.41 17.08
C11 EE2 H . -5.74 2.51 15.36
C12 EE2 H . -5.56 1.44 16.20
C13 EE2 H . -1.42 3.00 18.04
C14 EE2 H . -2.70 2.69 18.24
C15 EE2 H . -4.42 0.29 18.05
C16 EE2 H . -9.44 1.21 11.19
C17 EE2 H . 0.91 3.37 18.54
C18 EE2 H . -6.63 0.05 14.72
C19 EE2 H . -0.45 3.17 19.16
C20 EE2 H . -6.80 1.24 13.79
C21 EE2 H . -8.02 1.36 11.68
C22 EE2 H . -8.17 1.16 13.16
O23 EE2 H . -4.24 -0.82 17.48
O24 EE2 H . -9.53 0.96 9.96
O25 EE2 H . -4.47 0.49 19.29
O26 EE2 H . -10.33 1.36 12.07
O27 EE2 H . -6.40 0.35 16.09
O28 EE2 H . -6.73 2.52 14.41
O29 EE2 H . -0.47 2.01 19.97
S SO4 I . -14.47 17.30 -0.54
O1 SO4 I . -15.19 18.54 -0.84
O2 SO4 I . -15.35 16.14 -0.74
O3 SO4 I . -14.03 17.30 0.86
O4 SO4 I . -13.28 17.24 -1.43
S SO4 J . -20.61 0.60 0.25
O1 SO4 J . -21.02 1.49 1.35
O2 SO4 J . -21.78 -0.18 -0.21
O3 SO4 J . -19.56 -0.32 0.74
O4 SO4 J . -20.08 1.40 -0.86
S SO4 K . -6.73 11.76 18.99
O1 SO4 K . -6.96 12.27 17.63
O2 SO4 K . -6.99 12.80 19.99
O3 SO4 K . -5.31 11.34 19.14
O4 SO4 K . -7.61 10.59 19.21
C ACT L . -2.58 2.42 2.33
O ACT L . -1.79 3.21 2.92
OXT ACT L . -3.60 2.80 1.71
CH3 ACT L . -2.28 0.96 2.32
C3 5EY M . -11.58 -6.11 -7.28
C2 5EY M . -11.21 -6.05 -8.61
C4 5EY M . -12.90 -6.28 -6.92
C12 5EY M . -14.42 -7.80 -5.22
C1 5EY M . -12.15 -6.18 -9.60
C13 5EY M . -13.88 -7.95 -3.97
C5 5EY M . -13.82 -6.41 -7.93
C11 5EY M . -15.46 -6.93 -5.42
C16 5EY M . -15.98 -6.20 -4.37
C6 5EY M . -13.46 -6.36 -9.24
C14 5EY M . -14.39 -7.22 -2.92
C15 5EY M . -15.44 -6.36 -3.11
C9 5EY M . -15.26 -6.60 -7.84
C10 5EY M . -16.01 -6.82 -6.76
C17 5EY M . -17.11 -5.27 -4.57
C26 5EY M . -16.29 -4.13 1.38
C7 5EY M . -14.62 -6.51 -10.15
C22 5EY M . -14.98 -7.54 -0.88
C8 5EY M . -15.81 -6.52 -9.22
C21 5EY M . -15.70 -6.21 -0.82
C25 5EY M . -15.79 -4.05 -0.04
C24 5EY M . -14.87 -5.21 -0.08
O19 5EY M . -16.92 -4.08 -4.19
O28 5EY M . -15.46 -4.62 2.19
O18 5EY M . -18.15 -5.73 -5.10
O27 5EY M . -17.47 -3.70 1.57
O23 5EY M . -13.84 -7.39 -1.69
O20 5EY M . -15.98 -5.61 -2.08
O29 5EY M . -16.61 -7.66 -9.48
C1 EE2 N . -11.52 -6.22 -7.16
C2 EE2 N . -11.11 -5.98 -8.45
C3 EE2 N . -12.85 -6.51 -6.87
C4 EE2 N . -14.50 -7.86 -5.22
C5 EE2 N . -12.02 -6.01 -9.48
C6 EE2 N . -13.99 -7.96 -3.96
C7 EE2 N . -13.73 -6.54 -7.92
C8 EE2 N . -15.51 -6.97 -5.51
C9 EE2 N . -16.01 -6.16 -4.50
C10 EE2 N . -13.32 -6.30 -9.19
C11 EE2 N . -14.49 -7.16 -2.96
C12 EE2 N . -15.49 -6.25 -3.23
C13 EE2 N . -15.15 -6.80 -7.93
C14 EE2 N . -15.97 -6.97 -6.88
C15 EE2 N . -17.09 -5.18 -4.73
C16 EE2 N . -13.13 -6.16 2.57
C17 EE2 N . -14.44 -6.39 -10.18
C18 EE2 N . -15.84 -6.14 -1.06
C19 EE2 N . -15.61 -6.85 -9.34
C20 EE2 N . -14.36 -6.29 -0.87
C21 EE2 N . -13.71 -5.52 1.34
C22 EE2 N . -14.06 -6.74 0.53
O23 EE2 N . -16.91 -4.03 -4.28
O24 EE2 N . -13.83 -7.09 3.04
O25 EE2 N . -18.11 -5.60 -5.35
O26 EE2 N . -12.04 -5.66 2.97
O27 EE2 N . -16.03 -5.43 -2.26
O28 EE2 N . -13.90 -7.32 -1.74
O29 EE2 N . -16.72 -5.98 -9.49
#